data_4B89
#
_entry.id   4B89
#
_cell.length_a   53.758
_cell.length_b   53.758
_cell.length_c   187.154
_cell.angle_alpha   90.00
_cell.angle_beta   90.00
_cell.angle_gamma   90.00
#
_symmetry.space_group_name_H-M   'P 43 21 2'
#
loop_
_entity.id
_entity.type
_entity.pdbx_description
1 polymer 'GENERAL NEGATIVE REGULATOR OF TRANSCRIPTION SUBUNIT 1'
2 water water
#
_entity_poly.entity_id   1
_entity_poly.type   'polypeptide(L)'
_entity_poly.pdbx_seq_one_letter_code
;RSMSRPVQEMIPLKFFAVDEVSCQINQEGAPKDVVEKVLFVLNNVTLANLNNKVDELKKSLTPNYFSWFSTYLVTQRAKT
EPNYHDLYSKVIVAMGSGLLHQFMVNVTLRQLFVLLSTKDEQAIDKKHLKNLASWLGCITLALNKPIKHKNIAFREMLIE
AYKENRLEIVVPFVTKILQRASESKIFKPPNPWTVGILKLLIELNEKANWKLSLTFEVEVLLKSFNLTTKSLKPSNFINT
PEVIETLSG
;
_entity_poly.pdbx_strand_id   A
#
# COMPACT_ATOMS: atom_id res chain seq x y z
N GLU A 9 -4.25 -22.58 3.05
CA GLU A 9 -3.74 -22.63 4.42
C GLU A 9 -3.11 -21.31 4.83
N MET A 10 -3.47 -20.83 6.01
CA MET A 10 -3.04 -19.51 6.45
C MET A 10 -2.28 -19.56 7.77
N ILE A 11 -1.58 -18.48 8.09
CA ILE A 11 -0.96 -18.30 9.39
C ILE A 11 -1.52 -17.04 10.02
N PRO A 12 -1.47 -16.94 11.36
CA PRO A 12 -1.94 -15.73 12.02
C PRO A 12 -1.01 -14.55 11.79
N LEU A 13 -1.57 -13.35 11.79
CA LEU A 13 -0.76 -12.13 11.71
C LEU A 13 -1.03 -11.27 12.95
N LYS A 14 -0.13 -11.35 13.93
CA LYS A 14 -0.34 -10.71 15.22
C LYS A 14 -0.39 -9.18 15.16
N PHE A 15 0.25 -8.60 14.15
CA PHE A 15 0.52 -7.17 14.13
C PHE A 15 -0.08 -6.47 12.92
N PHE A 16 -1.01 -7.16 12.27
CA PHE A 16 -1.72 -6.63 11.11
C PHE A 16 -3.21 -6.87 11.36
N ALA A 17 -4.02 -5.82 11.27
CA ALA A 17 -5.46 -5.93 11.49
C ALA A 17 -6.22 -5.01 10.55
N VAL A 18 -7.34 -5.49 10.04
CA VAL A 18 -8.15 -4.65 9.18
C VAL A 18 -9.43 -4.26 9.91
N ASP A 19 -9.73 -2.98 9.91
CA ASP A 19 -10.94 -2.48 10.54
C ASP A 19 -12.08 -2.51 9.53
N GLU A 20 -13.30 -2.29 10.02
CA GLU A 20 -14.45 -2.20 9.13
C GLU A 20 -14.65 -0.74 8.74
N VAL A 21 -15.10 -0.53 7.52
CA VAL A 21 -15.46 0.81 7.05
C VAL A 21 -16.82 1.18 7.62
N SER A 22 -16.89 2.33 8.28
CA SER A 22 -18.14 2.86 8.78
C SER A 22 -18.88 3.56 7.65
N CYS A 23 -20.09 3.10 7.35
CA CYS A 23 -20.80 3.58 6.18
C CYS A 23 -22.31 3.42 6.33
N GLN A 24 -23.05 4.50 6.12
CA GLN A 24 -24.51 4.47 6.21
C GLN A 24 -25.17 4.38 4.84
N ILE A 25 -24.38 4.64 3.80
CA ILE A 25 -24.87 4.56 2.43
C ILE A 25 -24.86 3.11 1.95
N ASN A 26 -26.05 2.58 1.67
CA ASN A 26 -26.15 1.21 1.18
C ASN A 26 -25.32 1.01 -0.09
N GLN A 27 -24.50 -0.03 -0.09
CA GLN A 27 -23.60 -0.29 -1.20
C GLN A 27 -24.18 -1.30 -2.18
N GLU A 28 -24.08 -0.99 -3.47
CA GLU A 28 -24.59 -1.87 -4.51
C GLU A 28 -23.50 -2.17 -5.53
N GLY A 29 -23.63 -3.30 -6.20
CA GLY A 29 -22.81 -3.57 -7.38
C GLY A 29 -23.25 -2.62 -8.48
N ALA A 30 -22.28 -2.16 -9.28
CA ALA A 30 -22.58 -1.24 -10.37
C ALA A 30 -23.29 -1.97 -11.51
N PRO A 31 -24.34 -1.36 -12.05
CA PRO A 31 -25.03 -1.92 -13.23
C PRO A 31 -24.13 -1.83 -14.46
N LYS A 32 -24.44 -2.61 -15.50
CA LYS A 32 -23.62 -2.70 -16.69
C LYS A 32 -23.30 -1.34 -17.34
N ASP A 33 -24.28 -0.44 -17.35
CA ASP A 33 -24.04 0.86 -17.99
C ASP A 33 -23.08 1.74 -17.17
N VAL A 34 -23.14 1.63 -15.85
CA VAL A 34 -22.20 2.35 -14.99
C VAL A 34 -20.79 1.79 -15.13
N VAL A 35 -20.67 0.47 -15.13
CA VAL A 35 -19.37 -0.17 -15.33
C VAL A 35 -18.75 0.30 -16.64
N GLU A 36 -19.56 0.32 -17.70
CA GLU A 36 -19.06 0.75 -19.00
C GLU A 36 -18.46 2.15 -18.96
N LYS A 37 -19.18 3.07 -18.32
CA LYS A 37 -18.74 4.46 -18.21
C LYS A 37 -17.49 4.58 -17.36
N VAL A 38 -17.44 3.84 -16.26
CA VAL A 38 -16.28 3.87 -15.39
C VAL A 38 -15.03 3.33 -16.09
N LEU A 39 -15.18 2.22 -16.81
CA LEU A 39 -14.05 1.64 -17.54
C LEU A 39 -13.57 2.58 -18.65
N PHE A 40 -14.50 3.28 -19.29
CA PHE A 40 -14.14 4.26 -20.29
C PHE A 40 -13.24 5.34 -19.69
N VAL A 41 -13.60 5.81 -18.50
CA VAL A 41 -12.78 6.80 -17.83
C VAL A 41 -11.39 6.24 -17.48
N LEU A 42 -11.35 5.05 -16.89
CA LEU A 42 -10.07 4.48 -16.45
C LEU A 42 -9.13 4.21 -17.61
N ASN A 43 -9.70 3.88 -18.76
CA ASN A 43 -8.87 3.52 -19.90
C ASN A 43 -8.41 4.71 -20.73
N ASN A 44 -8.95 5.89 -20.42
CA ASN A 44 -8.63 7.07 -21.23
C ASN A 44 -8.12 8.25 -20.43
N VAL A 45 -8.06 8.09 -19.11
CA VAL A 45 -7.59 9.17 -18.26
C VAL A 45 -6.07 9.36 -18.37
N THR A 46 -5.66 10.62 -18.45
CA THR A 46 -4.25 11.01 -18.48
C THR A 46 -4.08 12.17 -17.50
N LEU A 47 -2.83 12.54 -17.23
CA LEU A 47 -2.59 13.72 -16.41
C LEU A 47 -3.22 14.96 -17.06
N ALA A 48 -3.13 15.03 -18.39
CA ALA A 48 -3.67 16.19 -19.10
C ALA A 48 -5.19 16.32 -19.05
N ASN A 49 -5.92 15.21 -19.04
CA ASN A 49 -7.37 15.29 -19.05
C ASN A 49 -8.04 14.91 -17.72
N LEU A 50 -7.22 14.79 -16.68
CA LEU A 50 -7.67 14.30 -15.38
C LEU A 50 -8.91 15.01 -14.83
N ASN A 51 -8.87 16.32 -14.78
CA ASN A 51 -9.96 17.09 -14.17
C ASN A 51 -11.30 16.84 -14.85
N ASN A 52 -11.30 16.88 -16.17
CA ASN A 52 -12.52 16.66 -16.92
C ASN A 52 -12.99 15.21 -16.78
N LYS A 53 -12.05 14.28 -16.80
CA LYS A 53 -12.38 12.87 -16.63
C LYS A 53 -13.01 12.59 -15.27
N VAL A 54 -12.49 13.22 -14.23
CA VAL A 54 -13.05 13.01 -12.90
C VAL A 54 -14.46 13.64 -12.81
N ASP A 55 -14.64 14.80 -13.42
CA ASP A 55 -15.98 15.39 -13.51
C ASP A 55 -16.95 14.40 -14.14
N GLU A 56 -16.50 13.72 -15.19
CA GLU A 56 -17.34 12.75 -15.87
C GLU A 56 -17.62 11.55 -14.97
N LEU A 57 -16.59 11.12 -14.25
CA LEU A 57 -16.72 9.96 -13.38
C LEU A 57 -17.78 10.23 -12.29
N LYS A 58 -17.77 11.45 -11.76
CA LYS A 58 -18.70 11.82 -10.70
C LYS A 58 -20.16 11.70 -11.12
N LYS A 59 -20.43 11.91 -12.41
CA LYS A 59 -21.80 11.83 -12.90
C LYS A 59 -22.31 10.39 -12.86
N SER A 60 -21.38 9.45 -12.92
CA SER A 60 -21.75 8.04 -13.01
C SER A 60 -21.52 7.31 -11.70
N LEU A 61 -20.38 7.57 -11.06
CA LEU A 61 -19.99 6.85 -9.87
C LEU A 61 -20.49 7.55 -8.61
N THR A 62 -21.74 7.30 -8.26
CA THR A 62 -22.34 7.84 -7.04
C THR A 62 -21.90 7.01 -5.83
N PRO A 63 -22.06 7.55 -4.61
CA PRO A 63 -21.51 6.92 -3.41
C PRO A 63 -22.00 5.49 -3.14
N ASN A 64 -23.17 5.13 -3.65
CA ASN A 64 -23.66 3.77 -3.49
C ASN A 64 -22.82 2.75 -4.26
N TYR A 65 -21.90 3.23 -5.09
CA TYR A 65 -21.03 2.36 -5.89
C TYR A 65 -19.57 2.44 -5.46
N PHE A 66 -19.30 3.11 -4.34
CA PHE A 66 -17.92 3.31 -3.89
C PHE A 66 -17.20 2.01 -3.50
N SER A 67 -17.90 1.12 -2.80
CA SER A 67 -17.34 -0.17 -2.43
C SER A 67 -17.05 -1.00 -3.67
N TRP A 68 -18.02 -1.08 -4.58
CA TRP A 68 -17.84 -1.77 -5.84
C TRP A 68 -16.60 -1.23 -6.57
N PHE A 69 -16.45 0.08 -6.64
CA PHE A 69 -15.36 0.69 -7.40
C PHE A 69 -14.02 0.42 -6.74
N SER A 70 -13.98 0.43 -5.42
CA SER A 70 -12.75 0.16 -4.69
C SER A 70 -12.30 -1.28 -4.87
N THR A 71 -13.24 -2.22 -4.74
CA THR A 71 -12.93 -3.62 -4.97
C THR A 71 -12.43 -3.82 -6.39
N TYR A 72 -13.12 -3.18 -7.34
CA TYR A 72 -12.71 -3.29 -8.74
C TYR A 72 -11.32 -2.71 -8.98
N LEU A 73 -11.13 -1.45 -8.59
CA LEU A 73 -9.89 -0.76 -8.91
C LEU A 73 -8.71 -1.46 -8.26
N VAL A 74 -8.86 -1.84 -7.00
CA VAL A 74 -7.73 -2.41 -6.28
C VAL A 74 -7.39 -3.80 -6.81
N THR A 75 -8.40 -4.66 -6.94
CA THR A 75 -8.14 -6.04 -7.30
C THR A 75 -7.87 -6.25 -8.80
N GLN A 76 -8.47 -5.41 -9.64
CA GLN A 76 -8.36 -5.60 -11.09
C GLN A 76 -7.31 -4.72 -11.75
N ARG A 77 -6.90 -3.65 -11.08
CA ARG A 77 -5.99 -2.68 -11.67
C ARG A 77 -4.75 -2.43 -10.83
N ALA A 78 -4.92 -1.96 -9.60
CA ALA A 78 -3.77 -1.59 -8.79
C ALA A 78 -2.86 -2.79 -8.52
N LYS A 79 -3.46 -3.96 -8.38
CA LYS A 79 -2.70 -5.16 -8.06
C LYS A 79 -1.75 -5.55 -9.19
N THR A 80 -2.06 -5.14 -10.41
CA THR A 80 -1.30 -5.58 -11.58
C THR A 80 -0.74 -4.47 -12.47
N GLU A 81 -1.05 -3.22 -12.14
CA GLU A 81 -0.67 -2.10 -13.01
C GLU A 81 0.06 -0.98 -12.27
N PRO A 82 1.30 -1.25 -11.82
CA PRO A 82 2.04 -0.26 -11.02
C PRO A 82 2.31 1.04 -11.75
N ASN A 83 2.37 1.00 -13.09
CA ASN A 83 2.62 2.23 -13.82
C ASN A 83 1.48 3.24 -13.70
N TYR A 84 0.33 2.77 -13.25
CA TYR A 84 -0.86 3.62 -13.13
C TYR A 84 -1.20 4.02 -11.71
N HIS A 85 -0.36 3.64 -10.75
CA HIS A 85 -0.65 3.96 -9.36
C HIS A 85 -0.77 5.45 -9.12
N ASP A 86 0.19 6.23 -9.62
CA ASP A 86 0.13 7.67 -9.42
C ASP A 86 -1.13 8.27 -10.01
N LEU A 87 -1.45 7.89 -11.25
CA LEU A 87 -2.64 8.42 -11.89
C LEU A 87 -3.92 8.04 -11.13
N TYR A 88 -4.06 6.77 -10.75
CA TYR A 88 -5.25 6.33 -10.03
C TYR A 88 -5.37 7.02 -8.68
N SER A 89 -4.25 7.23 -8.01
CA SER A 89 -4.27 7.95 -6.74
C SER A 89 -4.80 9.37 -6.95
N LYS A 90 -4.37 10.01 -8.05
CA LYS A 90 -4.84 11.36 -8.36
C LYS A 90 -6.34 11.39 -8.67
N VAL A 91 -6.84 10.33 -9.28
CA VAL A 91 -8.28 10.19 -9.50
C VAL A 91 -9.04 10.14 -8.17
N ILE A 92 -8.53 9.35 -7.23
CA ILE A 92 -9.19 9.25 -5.92
C ILE A 92 -9.17 10.61 -5.21
N VAL A 93 -8.05 11.30 -5.24
CA VAL A 93 -7.96 12.63 -4.63
C VAL A 93 -8.98 13.58 -5.27
N ALA A 94 -9.06 13.56 -6.60
CA ALA A 94 -9.95 14.47 -7.32
C ALA A 94 -11.43 14.20 -7.04
N MET A 95 -11.77 12.95 -6.75
CA MET A 95 -13.14 12.59 -6.40
C MET A 95 -13.62 13.30 -5.13
N GLY A 96 -12.68 13.63 -4.24
CA GLY A 96 -12.98 14.44 -3.08
C GLY A 96 -13.85 13.79 -2.02
N SER A 97 -13.89 12.46 -2.03
CA SER A 97 -14.68 11.70 -1.07
C SER A 97 -13.81 10.97 -0.04
N GLY A 98 -14.01 11.28 1.23
CA GLY A 98 -13.33 10.55 2.28
C GLY A 98 -13.81 9.11 2.36
N LEU A 99 -15.10 8.89 2.10
CA LEU A 99 -15.66 7.56 2.14
C LEU A 99 -15.02 6.67 1.07
N LEU A 100 -14.90 7.21 -0.15
CA LEU A 100 -14.28 6.44 -1.23
C LEU A 100 -12.86 6.08 -0.85
N HIS A 101 -12.13 7.05 -0.32
CA HIS A 101 -10.76 6.81 0.11
C HIS A 101 -10.70 5.72 1.17
N GLN A 102 -11.61 5.76 2.13
CA GLN A 102 -11.66 4.73 3.15
C GLN A 102 -11.87 3.34 2.56
N PHE A 103 -12.79 3.22 1.61
CA PHE A 103 -13.00 1.93 0.96
C PHE A 103 -11.74 1.47 0.21
N MET A 104 -11.07 2.40 -0.46
CA MET A 104 -9.85 2.05 -1.20
C MET A 104 -8.77 1.51 -0.27
N VAL A 105 -8.54 2.18 0.85
CA VAL A 105 -7.57 1.70 1.82
C VAL A 105 -7.99 0.36 2.42
N ASN A 106 -9.28 0.22 2.74
CA ASN A 106 -9.79 -1.01 3.30
C ASN A 106 -9.57 -2.23 2.40
N VAL A 107 -9.92 -2.10 1.12
CA VAL A 107 -9.75 -3.22 0.21
C VAL A 107 -8.27 -3.55 0.05
N THR A 108 -7.45 -2.52 0.00
CA THR A 108 -6.01 -2.71 -0.13
C THR A 108 -5.45 -3.48 1.06
N LEU A 109 -5.86 -3.10 2.26
CA LEU A 109 -5.44 -3.80 3.47
C LEU A 109 -5.91 -5.25 3.48
N ARG A 110 -7.14 -5.49 3.05
CA ARG A 110 -7.67 -6.85 3.03
C ARG A 110 -6.88 -7.72 2.04
N GLN A 111 -6.56 -7.15 0.87
CA GLN A 111 -5.82 -7.90 -0.12
C GLN A 111 -4.41 -8.21 0.36
N LEU A 112 -3.79 -7.23 1.03
CA LEU A 112 -2.47 -7.43 1.60
C LEU A 112 -2.52 -8.48 2.70
N PHE A 113 -3.56 -8.46 3.50
CA PHE A 113 -3.72 -9.43 4.58
C PHE A 113 -3.73 -10.86 4.04
N VAL A 114 -4.49 -11.08 2.97
CA VAL A 114 -4.58 -12.42 2.41
C VAL A 114 -3.20 -12.92 1.97
N LEU A 115 -2.44 -12.07 1.30
CA LEU A 115 -1.11 -12.47 0.84
C LEU A 115 -0.16 -12.73 2.00
N LEU A 116 -0.09 -11.80 2.94
CA LEU A 116 0.82 -11.94 4.08
C LEU A 116 0.49 -13.13 4.98
N SER A 117 -0.78 -13.55 4.97
CA SER A 117 -1.23 -14.66 5.82
C SER A 117 -1.13 -16.01 5.11
N THR A 118 -0.72 -16.01 3.85
CA THR A 118 -0.62 -17.29 3.13
C THR A 118 0.58 -18.11 3.63
N LYS A 119 0.31 -19.31 4.13
CA LYS A 119 1.38 -20.11 4.75
C LYS A 119 2.51 -20.47 3.79
N ASP A 120 2.15 -20.94 2.60
CA ASP A 120 3.12 -21.36 1.60
C ASP A 120 3.63 -20.16 0.80
N GLU A 121 4.89 -19.78 1.00
CA GLU A 121 5.45 -18.60 0.36
C GLU A 121 5.46 -18.72 -1.17
N GLN A 122 5.53 -19.95 -1.68
CA GLN A 122 5.53 -20.17 -3.11
C GLN A 122 4.17 -19.86 -3.73
N ALA A 123 3.14 -19.81 -2.90
CA ALA A 123 1.79 -19.53 -3.37
C ALA A 123 1.49 -18.02 -3.35
N ILE A 124 2.46 -17.23 -2.91
CA ILE A 124 2.32 -15.78 -2.89
C ILE A 124 2.95 -15.17 -4.14
N ASP A 125 2.15 -14.49 -4.95
CA ASP A 125 2.69 -13.80 -6.11
C ASP A 125 3.42 -12.55 -5.63
N LYS A 126 4.74 -12.56 -5.74
CA LYS A 126 5.54 -11.49 -5.16
C LYS A 126 5.31 -10.15 -5.84
N LYS A 127 5.01 -10.16 -7.13
CA LYS A 127 4.75 -8.92 -7.84
C LYS A 127 3.43 -8.30 -7.39
N HIS A 128 2.40 -9.13 -7.20
CA HIS A 128 1.13 -8.65 -6.68
C HIS A 128 1.33 -8.05 -5.30
N LEU A 129 2.11 -8.72 -4.47
CA LEU A 129 2.41 -8.21 -3.13
C LEU A 129 3.09 -6.84 -3.19
N LYS A 130 4.13 -6.72 -4.01
CA LYS A 130 4.87 -5.47 -4.10
C LYS A 130 3.99 -4.39 -4.68
N ASN A 131 3.18 -4.75 -5.66
CA ASN A 131 2.28 -3.77 -6.28
C ASN A 131 1.25 -3.23 -5.29
N LEU A 132 0.62 -4.14 -4.55
CA LEU A 132 -0.36 -3.71 -3.55
C LEU A 132 0.28 -2.89 -2.44
N ALA A 133 1.51 -3.24 -2.05
CA ALA A 133 2.21 -2.48 -1.01
C ALA A 133 2.54 -1.08 -1.51
N SER A 134 3.06 -0.98 -2.73
CA SER A 134 3.36 0.34 -3.28
C SER A 134 2.09 1.17 -3.41
N TRP A 135 1.01 0.53 -3.85
CA TRP A 135 -0.28 1.21 -3.97
C TRP A 135 -0.77 1.72 -2.62
N LEU A 136 -0.65 0.90 -1.57
CA LEU A 136 -1.06 1.37 -0.24
C LEU A 136 -0.30 2.64 0.13
N GLY A 137 1.00 2.65 -0.09
CA GLY A 137 1.80 3.82 0.19
C GLY A 137 1.37 5.01 -0.64
N CYS A 138 0.98 4.74 -1.88
CA CYS A 138 0.55 5.80 -2.81
C CYS A 138 -0.68 6.55 -2.32
N ILE A 139 -1.59 5.83 -1.68
CA ILE A 139 -2.86 6.43 -1.24
C ILE A 139 -2.86 6.76 0.25
N THR A 140 -1.73 6.58 0.91
CA THR A 140 -1.61 7.00 2.30
C THR A 140 -0.44 7.94 2.46
N LEU A 141 0.76 7.40 2.70
CA LEU A 141 1.93 8.21 2.98
C LEU A 141 2.20 9.28 1.93
N ALA A 142 2.07 8.94 0.65
CA ALA A 142 2.36 9.89 -0.41
C ALA A 142 1.39 11.06 -0.44
N LEU A 143 0.23 10.87 0.19
CA LEU A 143 -0.78 11.93 0.33
C LEU A 143 -0.73 12.56 1.72
N ASN A 144 0.34 12.30 2.45
CA ASN A 144 0.50 12.82 3.82
C ASN A 144 -0.56 12.30 4.79
N LYS A 145 -1.04 11.09 4.52
CA LYS A 145 -2.00 10.43 5.41
C LYS A 145 -1.31 9.23 6.06
N PRO A 146 -1.53 9.02 7.35
CA PRO A 146 -0.80 7.96 8.02
C PRO A 146 -1.35 6.59 7.72
N ILE A 147 -0.52 5.58 7.92
CA ILE A 147 -1.01 4.21 8.05
C ILE A 147 -1.08 3.98 9.55
N LYS A 148 -2.27 3.69 10.04
CA LYS A 148 -2.49 3.62 11.49
C LYS A 148 -1.79 2.43 12.12
N HIS A 149 -1.15 2.67 13.26
CA HIS A 149 -0.52 1.62 14.05
C HIS A 149 -1.47 0.45 14.37
N LYS A 150 -2.76 0.76 14.59
CA LYS A 150 -3.75 -0.28 14.86
C LYS A 150 -4.02 -1.19 13.66
N ASN A 151 -3.61 -0.75 12.46
CA ASN A 151 -3.73 -1.59 11.27
C ASN A 151 -2.44 -2.32 10.92
N ILE A 152 -1.32 -1.60 10.92
CA ILE A 152 -0.03 -2.23 10.66
C ILE A 152 0.97 -1.68 11.65
N ALA A 153 1.49 -2.54 12.51
CA ALA A 153 2.54 -2.14 13.42
C ALA A 153 3.84 -2.60 12.79
N PHE A 154 4.50 -1.70 12.08
CA PHE A 154 5.63 -2.07 11.22
C PHE A 154 6.82 -2.68 11.94
N ARG A 155 7.27 -2.04 13.00
CA ARG A 155 8.41 -2.59 13.73
C ARG A 155 8.10 -3.96 14.31
N GLU A 156 6.94 -4.11 14.95
CA GLU A 156 6.55 -5.41 15.47
C GLU A 156 6.42 -6.46 14.39
N MET A 157 5.86 -6.08 13.25
CA MET A 157 5.70 -7.00 12.11
C MET A 157 7.07 -7.51 11.65
N LEU A 158 8.06 -6.61 11.59
CA LEU A 158 9.39 -7.00 11.14
C LEU A 158 10.08 -7.94 12.13
N ILE A 159 9.96 -7.64 13.42
CA ILE A 159 10.58 -8.47 14.43
C ILE A 159 9.92 -9.84 14.45
N GLU A 160 8.60 -9.87 14.34
CA GLU A 160 7.89 -11.14 14.28
C GLU A 160 8.27 -11.93 13.03
N ALA A 161 8.43 -11.25 11.90
CA ALA A 161 8.82 -11.94 10.68
C ALA A 161 10.21 -12.54 10.79
N TYR A 162 11.11 -11.86 11.50
CA TYR A 162 12.42 -12.43 11.78
C TYR A 162 12.28 -13.73 12.57
N LYS A 163 11.45 -13.70 13.60
CA LYS A 163 11.27 -14.86 14.47
C LYS A 163 10.60 -16.01 13.74
N GLU A 164 9.70 -15.70 12.80
CA GLU A 164 8.93 -16.71 12.10
C GLU A 164 9.48 -17.04 10.71
N ASN A 165 10.65 -16.50 10.37
CA ASN A 165 11.25 -16.76 9.06
C ASN A 165 10.33 -16.36 7.91
N ARG A 166 9.80 -15.15 8.01
CA ARG A 166 8.90 -14.61 6.99
C ARG A 166 9.43 -13.31 6.40
N LEU A 167 10.73 -13.03 6.55
CA LEU A 167 11.26 -11.75 6.07
C LEU A 167 11.18 -11.61 4.55
N GLU A 168 11.22 -12.72 3.83
CA GLU A 168 11.16 -12.63 2.37
C GLU A 168 9.81 -12.13 1.90
N ILE A 169 8.80 -12.25 2.76
CA ILE A 169 7.46 -11.75 2.48
C ILE A 169 7.28 -10.34 3.04
N VAL A 170 7.67 -10.18 4.31
CA VAL A 170 7.39 -8.94 5.02
C VAL A 170 8.30 -7.78 4.61
N VAL A 171 9.57 -8.06 4.34
CA VAL A 171 10.47 -6.98 4.00
C VAL A 171 10.06 -6.21 2.72
N PRO A 172 9.78 -6.91 1.61
CA PRO A 172 9.39 -6.14 0.42
C PRO A 172 8.06 -5.41 0.61
N PHE A 173 7.17 -5.99 1.42
CA PHE A 173 5.91 -5.30 1.77
C PHE A 173 6.22 -3.97 2.48
N VAL A 174 7.11 -4.01 3.46
CA VAL A 174 7.49 -2.79 4.16
C VAL A 174 8.23 -1.79 3.25
N THR A 175 9.19 -2.28 2.48
CA THR A 175 9.99 -1.33 1.69
C THR A 175 9.20 -0.68 0.57
N LYS A 176 8.26 -1.41 -0.01
CA LYS A 176 7.44 -0.83 -1.08
C LYS A 176 6.43 0.18 -0.55
N ILE A 177 5.88 -0.07 0.63
CA ILE A 177 5.06 0.96 1.27
C ILE A 177 5.90 2.18 1.62
N LEU A 178 7.02 1.97 2.30
CA LEU A 178 7.74 3.09 2.89
C LEU A 178 8.41 3.98 1.84
N GLN A 179 8.73 3.43 0.66
CA GLN A 179 9.34 4.24 -0.36
C GLN A 179 8.41 5.41 -0.71
N ARG A 180 7.10 5.21 -0.52
CA ARG A 180 6.14 6.24 -0.86
C ARG A 180 6.18 7.44 0.07
N ALA A 181 6.91 7.33 1.17
CA ALA A 181 7.14 8.47 2.04
C ALA A 181 8.17 9.44 1.46
N SER A 182 8.89 9.01 0.42
CA SER A 182 10.07 9.77 -0.03
C SER A 182 9.85 11.20 -0.51
N GLU A 183 8.65 11.51 -0.99
CA GLU A 183 8.33 12.89 -1.38
C GLU A 183 7.21 13.45 -0.49
N SER A 184 6.78 12.64 0.48
CA SER A 184 5.65 12.97 1.35
C SER A 184 5.58 14.45 1.70
N LYS A 185 6.45 14.87 2.61
CA LYS A 185 6.40 16.18 3.24
C LYS A 185 6.37 15.95 4.75
N ILE A 186 5.42 15.13 5.18
CA ILE A 186 5.25 14.79 6.58
C ILE A 186 6.09 13.57 6.97
N PHE A 187 6.26 12.63 6.04
CA PHE A 187 6.84 11.34 6.40
C PHE A 187 8.28 11.11 5.95
N LYS A 188 8.91 12.09 5.30
CA LYS A 188 10.31 11.93 4.97
C LYS A 188 11.16 11.99 6.24
N PRO A 189 12.32 11.31 6.24
CA PRO A 189 13.27 11.57 7.32
C PRO A 189 13.47 13.07 7.42
N PRO A 190 13.60 13.60 8.64
CA PRO A 190 13.79 12.90 9.91
C PRO A 190 12.53 12.46 10.67
N ASN A 191 11.40 12.30 10.00
CA ASN A 191 10.24 11.75 10.68
C ASN A 191 10.65 10.52 11.49
N PRO A 192 10.47 10.56 12.82
CA PRO A 192 10.97 9.46 13.65
C PRO A 192 10.35 8.09 13.36
N TRP A 193 9.10 8.03 12.93
CA TRP A 193 8.47 6.75 12.62
C TRP A 193 9.15 6.14 11.39
N THR A 194 9.31 6.96 10.37
CA THR A 194 9.98 6.49 9.16
C THR A 194 11.41 6.05 9.48
N VAL A 195 12.13 6.89 10.21
CA VAL A 195 13.52 6.59 10.53
C VAL A 195 13.62 5.34 11.41
N GLY A 196 12.68 5.16 12.33
CA GLY A 196 12.68 3.98 13.17
C GLY A 196 12.60 2.69 12.37
N ILE A 197 11.74 2.68 11.35
CA ILE A 197 11.62 1.50 10.50
C ILE A 197 12.91 1.29 9.71
N LEU A 198 13.50 2.37 9.22
CA LEU A 198 14.78 2.25 8.51
C LEU A 198 15.87 1.69 9.41
N LYS A 199 15.94 2.16 10.66
CA LYS A 199 16.96 1.66 11.59
C LYS A 199 16.81 0.17 11.87
N LEU A 200 15.57 -0.31 11.92
CA LEU A 200 15.32 -1.74 12.14
C LEU A 200 15.67 -2.56 10.89
N LEU A 201 15.36 -2.02 9.71
CA LEU A 201 15.74 -2.70 8.49
C LEU A 201 17.26 -2.81 8.38
N ILE A 202 17.96 -1.77 8.81
CA ILE A 202 19.43 -1.81 8.84
C ILE A 202 19.95 -2.83 9.85
N GLU A 203 19.32 -2.91 11.02
CA GLU A 203 19.67 -3.95 11.98
C GLU A 203 19.47 -5.35 11.41
N LEU A 204 18.32 -5.57 10.77
CA LEU A 204 18.04 -6.87 10.19
C LEU A 204 19.03 -7.20 9.08
N ASN A 205 19.42 -6.19 8.30
CA ASN A 205 20.40 -6.41 7.24
C ASN A 205 21.70 -6.95 7.84
N GLU A 206 22.07 -6.44 9.00
CA GLU A 206 23.28 -6.91 9.68
C GLU A 206 23.14 -8.32 10.28
N LYS A 207 21.96 -8.63 10.82
CA LYS A 207 21.84 -9.78 11.72
C LYS A 207 21.06 -10.97 11.18
N ALA A 208 20.20 -10.77 10.19
CA ALA A 208 19.28 -11.82 9.77
C ALA A 208 19.89 -12.90 8.89
N ASN A 209 21.08 -12.65 8.36
CA ASN A 209 21.69 -13.56 7.39
C ASN A 209 20.69 -13.92 6.29
N TRP A 210 20.08 -12.90 5.69
CA TRP A 210 18.99 -13.12 4.75
C TRP A 210 19.46 -13.14 3.29
N LYS A 211 18.53 -13.42 2.38
CA LYS A 211 18.86 -13.49 0.96
C LYS A 211 19.29 -12.14 0.41
N LEU A 212 20.14 -12.17 -0.61
CA LEU A 212 20.70 -10.98 -1.22
C LEU A 212 19.60 -10.01 -1.68
N SER A 213 18.49 -10.54 -2.18
CA SER A 213 17.46 -9.66 -2.72
C SER A 213 16.84 -8.76 -1.64
N LEU A 214 16.88 -9.20 -0.38
CA LEU A 214 16.38 -8.34 0.69
C LEU A 214 17.35 -7.18 0.97
N THR A 215 18.65 -7.45 0.87
CA THR A 215 19.62 -6.39 0.98
C THR A 215 19.38 -5.37 -0.13
N PHE A 216 19.12 -5.86 -1.34
CA PHE A 216 18.77 -4.99 -2.44
C PHE A 216 17.55 -4.11 -2.13
N GLU A 217 16.49 -4.71 -1.61
CA GLU A 217 15.28 -3.92 -1.32
C GLU A 217 15.54 -2.82 -0.28
N VAL A 218 16.36 -3.14 0.73
CA VAL A 218 16.71 -2.13 1.72
C VAL A 218 17.57 -1.02 1.10
N GLU A 219 18.53 -1.40 0.26
CA GLU A 219 19.35 -0.40 -0.43
C GLU A 219 18.52 0.53 -1.31
N VAL A 220 17.56 -0.03 -2.04
CA VAL A 220 16.68 0.77 -2.89
C VAL A 220 15.86 1.75 -2.04
N LEU A 221 15.35 1.27 -0.91
CA LEU A 221 14.57 2.14 -0.02
C LEU A 221 15.41 3.30 0.52
N LEU A 222 16.59 2.98 1.01
CA LEU A 222 17.45 4.04 1.56
C LEU A 222 17.77 5.07 0.49
N LYS A 223 18.09 4.60 -0.71
CA LYS A 223 18.40 5.52 -1.80
C LYS A 223 17.25 6.48 -2.11
N SER A 224 16.01 6.00 -1.98
CA SER A 224 14.85 6.85 -2.26
C SER A 224 14.81 8.05 -1.31
N PHE A 225 15.45 7.92 -0.15
CA PHE A 225 15.50 9.01 0.83
C PHE A 225 16.84 9.76 0.80
N ASN A 226 17.66 9.46 -0.21
CA ASN A 226 19.01 10.00 -0.28
C ASN A 226 19.81 9.66 0.98
N LEU A 227 19.61 8.44 1.47
CA LEU A 227 20.34 7.93 2.61
C LEU A 227 21.11 6.69 2.20
N THR A 228 22.05 6.29 3.04
CA THR A 228 22.80 5.06 2.86
C THR A 228 22.80 4.29 4.16
N THR A 229 23.25 3.04 4.11
CA THR A 229 23.41 2.25 5.32
C THR A 229 24.31 2.94 6.35
N LYS A 230 25.38 3.56 5.87
CA LYS A 230 26.35 4.26 6.71
C LYS A 230 25.75 5.48 7.41
N SER A 231 24.68 6.04 6.84
CA SER A 231 24.09 7.26 7.39
C SER A 231 23.21 7.04 8.64
N LEU A 232 22.89 5.79 8.96
CA LEU A 232 22.03 5.50 10.10
C LEU A 232 22.67 4.47 11.03
N LYS A 233 22.30 4.51 12.30
CA LYS A 233 22.70 3.48 13.23
C LYS A 233 21.60 2.44 13.34
N PRO A 234 21.96 1.16 13.37
CA PRO A 234 20.93 0.14 13.49
C PRO A 234 20.27 0.22 14.86
N SER A 235 19.01 -0.18 14.92
CA SER A 235 18.37 -0.43 16.20
C SER A 235 19.01 -1.65 16.85
N ASN A 236 18.57 -1.97 18.06
CA ASN A 236 19.06 -3.14 18.78
C ASN A 236 17.92 -3.95 19.38
N PHE A 237 16.97 -4.33 18.54
CA PHE A 237 15.84 -5.15 18.95
C PHE A 237 16.09 -6.64 18.79
N ILE A 238 17.14 -7.00 18.06
CA ILE A 238 17.36 -8.38 17.65
C ILE A 238 18.56 -8.99 18.38
#